data_2CG0
#
_entry.id   2CG0
#
_cell.length_a   157.793
_cell.length_b   62.977
_cell.length_c   91.934
_cell.angle_alpha   90.00
_cell.angle_beta   112.21
_cell.angle_gamma   90.00
#
_symmetry.space_group_name_H-M   'C 1 2 1'
#
loop_
_entity.id
_entity.type
_entity.pdbx_description
1 polymer 'PHENYLETHYLAMINE OXIDASE'
2 non-polymer 'COPPER (II) ION'
3 non-polymer 'SODIUM ION'
4 non-polymer 'RUTHENIUM WIRE, 9 CARBON LINKER'
5 non-polymer 'SULFATE ION'
6 non-polymer GLYCEROL
7 water water
#
_entity_poly.entity_id   1
_entity_poly.type   'polypeptide(L)'
_entity_poly.pdbx_seq_one_letter_code
;PSTIQTASPFRLASAGEISEVQGILRTAGLLGPEKRIAYLGVLDPARGAGSEAEDRRFRVFIHDVSGARPQEVTVSVTNG
TVISAVELDTAATGELPVLEEEFEVVEQLLATDERWLKALAARNLDVSKVRVAPLSAGVFEYAEERGRRILRGLAFVQDF
PEDSAWAHPVDGLVAYVDVVSKEVTRVIDTGVFPVPAEHGNYTDPELTGPLRTTQKPISITQPEGPSFTVTGGNHIEWEK
WSLDVGFDVREGVVLHNIAFRDGDRLRPIINRASIAEMVVPYGDPSPIRSWQNYFDTGEYLVGQYANSLELGCDCLGDIT
YLSPVISDAFGNPREIRNGICMHEEDWGILAKHSDLWSGINYTRRNRRMVISFFTTIGN(TPQ)DYGFYWYLYLDGTIEF
EAKATGVVFTSAFPEGGSDNISQLAPGLGAPFHQHIFSARLDMAIDGFTNRVEEEDVVRQTMGPGNERGNAFSRKRTVLT
RESEAVREADARTGRTWIISNPESKNRLNEPVGYKLHAHNQPTLLADPGSSIARRAAFATKDLWVTRYADDERYPTGDFV
NQHSGGAGLPSYIAQDRDIDGQDIVVWHTFGLTHFPRVEDWPIMPVDTVGFKLRPEGFFDRSPVLDVPANPSQSGSHCHG
SNWSHPQFEK
;
_entity_poly.pdbx_strand_id   A
#
# COMPACT_ATOMS: atom_id res chain seq x y z
N ALA A 7 -1.96 24.14 14.80
CA ALA A 7 -2.57 24.95 13.70
C ALA A 7 -2.19 24.45 12.30
N SER A 8 -1.47 23.33 12.20
CA SER A 8 -1.00 22.84 10.91
C SER A 8 -2.13 22.32 10.04
N PRO A 9 -2.21 22.78 8.80
CA PRO A 9 -3.21 22.26 7.87
C PRO A 9 -2.97 20.78 7.50
N PHE A 10 -1.80 20.24 7.88
CA PHE A 10 -1.50 18.83 7.68
C PHE A 10 -1.78 17.95 8.90
N ARG A 11 -2.40 18.51 9.93
CA ARG A 11 -2.72 17.75 11.12
C ARG A 11 -3.70 16.63 10.78
N LEU A 12 -3.62 15.55 11.55
CA LEU A 12 -4.58 14.47 11.45
C LEU A 12 -6.02 14.95 11.64
N ALA A 13 -6.96 14.22 11.03
CA ALA A 13 -8.38 14.47 11.24
C ALA A 13 -8.71 14.16 12.70
N SER A 14 -9.48 15.06 13.33
CA SER A 14 -9.95 14.84 14.70
C SER A 14 -11.35 14.26 14.70
N ALA A 15 -11.73 13.65 15.81
CA ALA A 15 -13.06 13.08 15.97
C ALA A 15 -14.11 14.17 15.72
N GLY A 16 -13.85 15.36 16.26
CA GLY A 16 -14.69 16.51 16.07
C GLY A 16 -14.92 16.89 14.62
N GLU A 17 -13.85 16.86 13.82
CA GLU A 17 -13.98 17.18 12.39
C GLU A 17 -14.86 16.15 11.66
N ILE A 18 -14.71 14.87 12.00
CA ILE A 18 -15.51 13.84 11.36
C ILE A 18 -17.00 14.00 11.73
N SER A 19 -17.30 14.21 13.01
CA SER A 19 -18.70 14.42 13.39
C SER A 19 -19.22 15.70 12.74
N GLU A 20 -18.36 16.67 12.46
CA GLU A 20 -18.81 17.90 11.80
C GLU A 20 -19.12 17.69 10.31
N VAL A 21 -18.33 16.86 9.63
CA VAL A 21 -18.64 16.45 8.27
C VAL A 21 -20.00 15.78 8.27
N GLN A 22 -20.22 14.87 9.22
CA GLN A 22 -21.49 14.19 9.38
C GLN A 22 -22.63 15.20 9.51
N GLY A 23 -22.44 16.18 10.38
CA GLY A 23 -23.41 17.24 10.62
C GLY A 23 -23.70 18.08 9.38
N ILE A 24 -22.66 18.46 8.66
CA ILE A 24 -22.84 19.25 7.45
C ILE A 24 -23.62 18.46 6.41
N LEU A 25 -23.28 17.18 6.26
CA LEU A 25 -23.92 16.34 5.22
C LEU A 25 -25.38 16.14 5.58
N ARG A 26 -25.65 15.93 6.85
CA ARG A 26 -27.01 15.76 7.34
C ARG A 26 -27.81 17.01 7.06
N THR A 27 -27.26 18.16 7.44
CA THR A 27 -27.94 19.44 7.31
C THR A 27 -28.26 19.71 5.85
N ALA A 28 -27.40 19.20 4.96
CA ALA A 28 -27.53 19.45 3.53
C ALA A 28 -28.45 18.46 2.83
N GLY A 29 -28.94 17.47 3.56
CA GLY A 29 -29.82 16.46 3.01
C GLY A 29 -29.15 15.31 2.29
N LEU A 30 -27.85 15.15 2.51
CA LEU A 30 -27.04 14.16 1.80
C LEU A 30 -26.74 12.92 2.63
N LEU A 31 -27.21 12.87 3.88
CA LEU A 31 -26.88 11.75 4.76
C LEU A 31 -28.07 11.29 5.63
N GLY A 32 -29.18 11.02 4.96
CA GLY A 32 -30.32 10.34 5.57
C GLY A 32 -30.03 8.89 5.97
N PRO A 33 -31.05 8.24 6.53
CA PRO A 33 -30.91 6.90 7.10
C PRO A 33 -30.52 5.77 6.12
N GLU A 34 -30.73 5.97 4.83
CA GLU A 34 -30.34 4.96 3.82
C GLU A 34 -28.91 5.18 3.29
N LYS A 35 -28.25 6.24 3.77
CA LYS A 35 -26.91 6.57 3.30
C LYS A 35 -25.85 5.93 4.15
N ARG A 36 -24.73 5.57 3.51
CA ARG A 36 -23.58 5.01 4.20
C ARG A 36 -22.30 5.64 3.63
N ILE A 37 -21.37 5.99 4.50
CA ILE A 37 -20.08 6.52 4.07
C ILE A 37 -19.17 5.34 3.74
N ALA A 38 -18.80 5.25 2.46
CA ALA A 38 -17.87 4.24 1.99
C ALA A 38 -16.41 4.69 2.01
N TYR A 39 -16.21 6.00 1.97
CA TYR A 39 -14.89 6.59 2.11
C TYR A 39 -15.04 8.02 2.63
N LEU A 40 -14.12 8.40 3.50
CA LEU A 40 -14.04 9.75 4.01
C LEU A 40 -12.60 10.05 4.35
N GLY A 41 -12.09 11.14 3.80
CA GLY A 41 -10.75 11.61 4.12
C GLY A 41 -10.55 13.08 3.90
N VAL A 42 -9.60 13.64 4.63
CA VAL A 42 -9.24 15.04 4.49
C VAL A 42 -8.44 15.20 3.19
N LEU A 43 -8.65 16.31 2.52
CA LEU A 43 -7.92 16.65 1.30
C LEU A 43 -6.68 17.42 1.70
N ASP A 44 -5.60 17.26 0.96
CA ASP A 44 -4.40 18.04 1.19
C ASP A 44 -4.65 19.51 0.79
N PRO A 45 -3.95 20.45 1.41
CA PRO A 45 -4.05 21.85 1.00
C PRO A 45 -3.63 22.02 -0.46
N ALA A 46 -4.25 22.95 -1.15
CA ALA A 46 -3.84 23.31 -2.51
C ALA A 46 -2.45 23.88 -2.53
N ARG A 47 -1.81 23.77 -3.69
CA ARG A 47 -0.52 24.41 -3.94
C ARG A 47 -0.65 25.91 -3.70
N GLY A 48 0.28 26.46 -2.93
CA GLY A 48 0.33 27.89 -2.66
C GLY A 48 -0.69 28.37 -1.63
N ALA A 49 -1.29 27.43 -0.90
CA ALA A 49 -2.36 27.74 0.05
C ALA A 49 -1.84 28.28 1.38
N GLY A 50 -0.54 28.12 1.64
CA GLY A 50 0.08 28.58 2.87
C GLY A 50 -0.21 30.03 3.23
N SER A 51 -0.25 30.89 2.22
CA SER A 51 -0.54 32.32 2.41
C SER A 51 -1.94 32.55 2.98
N GLU A 52 -2.94 31.90 2.39
CA GLU A 52 -4.33 32.03 2.83
C GLU A 52 -4.60 31.22 4.11
N ALA A 53 -5.67 31.57 4.82
CA ALA A 53 -6.05 30.86 6.05
C ALA A 53 -6.50 29.43 5.74
N GLU A 54 -6.50 28.58 6.77
CA GLU A 54 -6.90 27.17 6.63
C GLU A 54 -8.31 27.00 6.06
N ASP A 55 -8.43 26.08 5.11
CA ASP A 55 -9.71 25.49 4.71
C ASP A 55 -9.55 23.97 4.75
N ARG A 56 -9.97 23.36 5.85
CA ARG A 56 -9.98 21.92 5.97
C ARG A 56 -11.15 21.38 5.16
N ARG A 57 -10.82 20.66 4.11
CA ARG A 57 -11.80 20.05 3.25
C ARG A 57 -11.71 18.54 3.37
N PHE A 58 -12.88 17.90 3.27
CA PHE A 58 -13.01 16.47 3.35
C PHE A 58 -13.74 15.95 2.12
N ARG A 59 -13.28 14.81 1.62
CA ARG A 59 -13.89 14.13 0.49
C ARG A 59 -14.62 12.89 0.99
N VAL A 60 -15.83 12.68 0.48
CA VAL A 60 -16.71 11.62 0.95
C VAL A 60 -17.38 10.92 -0.24
N PHE A 61 -17.36 9.59 -0.20
CA PHE A 61 -18.13 8.74 -1.13
C PHE A 61 -19.33 8.20 -0.35
N ILE A 62 -20.54 8.54 -0.78
CA ILE A 62 -21.75 8.15 -0.04
C ILE A 62 -22.52 7.10 -0.84
N HIS A 63 -22.68 5.93 -0.25
CA HIS A 63 -23.46 4.83 -0.80
C HIS A 63 -24.92 4.91 -0.30
N ASP A 64 -25.84 4.34 -1.06
CA ASP A 64 -27.24 4.33 -0.71
C ASP A 64 -27.72 2.87 -0.70
N VAL A 65 -28.18 2.40 0.46
CA VAL A 65 -28.58 1.00 0.59
C VAL A 65 -29.93 0.66 -0.07
N SER A 66 -30.69 1.68 -0.46
CA SER A 66 -31.95 1.49 -1.16
C SER A 66 -31.78 1.34 -2.69
N GLY A 67 -30.55 1.44 -3.18
CA GLY A 67 -30.26 1.24 -4.59
C GLY A 67 -30.17 2.53 -5.41
N ALA A 68 -30.29 3.68 -4.75
CA ALA A 68 -30.11 4.97 -5.42
C ALA A 68 -28.63 5.16 -5.79
N ARG A 69 -28.35 6.10 -6.68
CA ARG A 69 -26.98 6.34 -7.12
C ARG A 69 -26.16 6.93 -5.98
N PRO A 70 -24.90 6.51 -5.88
CA PRO A 70 -24.02 7.07 -4.84
C PRO A 70 -23.57 8.47 -5.25
N GLN A 71 -22.97 9.20 -4.32
CA GLN A 71 -22.49 10.54 -4.58
C GLN A 71 -21.04 10.70 -4.16
N GLU A 72 -20.32 11.57 -4.87
CA GLU A 72 -19.04 12.07 -4.41
C GLU A 72 -19.25 13.50 -3.92
N VAL A 73 -18.81 13.77 -2.69
CA VAL A 73 -19.09 15.04 -2.04
C VAL A 73 -17.81 15.59 -1.44
N THR A 74 -17.61 16.90 -1.61
CA THR A 74 -16.53 17.58 -0.94
C THR A 74 -17.17 18.59 0.02
N VAL A 75 -16.70 18.57 1.26
CA VAL A 75 -17.23 19.42 2.34
C VAL A 75 -16.11 20.30 2.89
N SER A 76 -16.41 21.57 3.14
CA SER A 76 -15.51 22.41 3.94
C SER A 76 -15.93 22.37 5.41
N VAL A 77 -15.15 21.70 6.24
CA VAL A 77 -15.50 21.59 7.66
C VAL A 77 -15.23 22.89 8.40
N THR A 78 -14.28 23.66 7.89
CA THR A 78 -13.99 25.00 8.45
C THR A 78 -15.20 25.91 8.31
N ASN A 79 -15.79 25.91 7.11
CA ASN A 79 -16.87 26.83 6.79
C ASN A 79 -18.27 26.24 6.96
N GLY A 80 -18.35 24.95 7.28
CA GLY A 80 -19.60 24.26 7.46
C GLY A 80 -20.45 24.17 6.21
N THR A 81 -19.80 23.97 5.06
CA THR A 81 -20.50 23.97 3.77
C THR A 81 -20.22 22.75 2.92
N VAL A 82 -21.15 22.45 2.02
CA VAL A 82 -20.90 21.52 0.94
C VAL A 82 -20.32 22.31 -0.22
N ILE A 83 -19.08 22.00 -0.59
CA ILE A 83 -18.42 22.59 -1.76
C ILE A 83 -18.98 22.00 -3.06
N SER A 84 -19.10 20.69 -3.14
CA SER A 84 -19.67 20.03 -4.33
C SER A 84 -20.29 18.67 -4.00
N ALA A 85 -21.33 18.30 -4.75
CA ALA A 85 -21.93 16.96 -4.64
C ALA A 85 -22.35 16.50 -6.01
N VAL A 86 -21.92 15.30 -6.41
CA VAL A 86 -22.19 14.79 -7.75
C VAL A 86 -22.61 13.34 -7.69
N GLU A 87 -23.68 13.00 -8.42
CA GLU A 87 -24.16 11.63 -8.47
C GLU A 87 -23.27 10.83 -9.40
N LEU A 88 -22.88 9.64 -8.96
CA LEU A 88 -21.98 8.80 -9.73
C LEU A 88 -22.75 7.77 -10.50
N ASP A 89 -22.28 7.52 -11.71
CA ASP A 89 -22.77 6.45 -12.52
C ASP A 89 -21.74 5.32 -12.41
N THR A 90 -22.01 4.33 -11.57
CA THR A 90 -20.97 3.34 -11.22
C THR A 90 -20.62 2.39 -12.36
N ALA A 91 -21.54 2.17 -13.29
CA ALA A 91 -21.24 1.34 -14.44
C ALA A 91 -20.13 1.97 -15.29
N ALA A 92 -20.07 3.30 -15.27
CA ALA A 92 -19.05 4.04 -16.00
C ALA A 92 -17.76 4.21 -15.18
N THR A 93 -17.87 4.87 -14.03
CA THR A 93 -16.67 5.31 -13.31
C THR A 93 -16.21 4.37 -12.19
N GLY A 94 -16.99 3.34 -11.88
CA GLY A 94 -16.61 2.35 -10.90
C GLY A 94 -17.51 2.32 -9.66
N GLU A 95 -17.58 1.16 -9.02
CA GLU A 95 -18.31 1.03 -7.77
C GLU A 95 -17.48 1.60 -6.62
N LEU A 96 -18.18 1.98 -5.56
CA LEU A 96 -17.54 2.46 -4.36
C LEU A 96 -16.80 1.31 -3.68
N PRO A 97 -15.82 1.64 -2.83
CA PRO A 97 -15.11 0.61 -2.05
C PRO A 97 -16.05 -0.30 -1.28
N VAL A 98 -15.63 -1.55 -1.09
CA VAL A 98 -16.37 -2.51 -0.29
C VAL A 98 -16.60 -1.96 1.10
N LEU A 99 -17.82 -2.09 1.59
CA LEU A 99 -18.19 -1.67 2.93
C LEU A 99 -17.94 -2.80 3.93
N GLU A 100 -17.44 -2.44 5.12
CA GLU A 100 -17.25 -3.45 6.18
C GLU A 100 -18.52 -4.24 6.41
N GLU A 101 -19.67 -3.58 6.38
CA GLU A 101 -20.96 -4.22 6.64
C GLU A 101 -21.36 -5.24 5.57
N GLU A 102 -20.77 -5.15 4.38
CA GLU A 102 -21.08 -6.11 3.32
C GLU A 102 -20.35 -7.45 3.48
N PHE A 103 -19.32 -7.48 4.31
CA PHE A 103 -18.49 -8.68 4.45
C PHE A 103 -19.28 -9.91 4.87
N GLU A 104 -20.15 -9.74 5.86
CA GLU A 104 -20.97 -10.83 6.40
C GLU A 104 -22.06 -11.28 5.44
N VAL A 105 -22.42 -10.39 4.50
CA VAL A 105 -23.60 -10.58 3.69
C VAL A 105 -23.48 -11.76 2.75
N VAL A 106 -22.27 -12.03 2.27
CA VAL A 106 -22.10 -13.09 1.29
C VAL A 106 -22.44 -14.45 1.92
N GLU A 107 -21.85 -14.73 3.07
CA GLU A 107 -22.13 -15.96 3.79
C GLU A 107 -23.60 -16.11 4.16
N GLN A 108 -24.16 -15.01 4.66
CA GLN A 108 -25.54 -14.97 5.16
C GLN A 108 -26.55 -15.28 4.07
N LEU A 109 -26.36 -14.69 2.90
CA LEU A 109 -27.29 -14.88 1.79
C LEU A 109 -27.18 -16.31 1.29
N LEU A 110 -25.94 -16.79 1.21
CA LEU A 110 -25.66 -18.09 0.60
C LEU A 110 -26.25 -19.20 1.45
N ALA A 111 -26.36 -18.98 2.76
CA ALA A 111 -26.77 -20.01 3.70
C ALA A 111 -28.22 -20.47 3.52
N THR A 112 -29.04 -19.69 2.81
CA THR A 112 -30.41 -20.11 2.48
C THR A 112 -30.64 -20.23 0.98
N ASP A 113 -29.58 -20.25 0.17
CA ASP A 113 -29.71 -20.45 -1.27
C ASP A 113 -29.65 -21.93 -1.60
N GLU A 114 -30.63 -22.42 -2.37
CA GLU A 114 -30.77 -23.86 -2.61
C GLU A 114 -29.59 -24.42 -3.42
N ARG A 115 -29.06 -23.63 -4.33
CA ARG A 115 -27.90 -24.07 -5.11
C ARG A 115 -26.66 -24.26 -4.24
N TRP A 116 -26.39 -23.27 -3.38
CA TRP A 116 -25.30 -23.33 -2.44
C TRP A 116 -25.45 -24.53 -1.49
N LEU A 117 -26.64 -24.68 -0.93
CA LEU A 117 -26.92 -25.80 -0.03
C LEU A 117 -26.72 -27.16 -0.72
N LYS A 118 -27.11 -27.26 -1.99
CA LYS A 118 -26.93 -28.49 -2.74
C LYS A 118 -25.44 -28.79 -2.89
N ALA A 119 -24.66 -27.73 -3.14
CA ALA A 119 -23.23 -27.87 -3.33
C ALA A 119 -22.55 -28.33 -2.04
N LEU A 120 -22.98 -27.79 -0.90
CA LEU A 120 -22.39 -28.15 0.39
C LEU A 120 -22.79 -29.59 0.76
N ALA A 121 -24.04 -29.95 0.46
CA ALA A 121 -24.54 -31.30 0.72
C ALA A 121 -23.80 -32.34 -0.10
N ALA A 122 -23.41 -32.00 -1.34
CA ALA A 122 -22.64 -32.92 -2.18
C ALA A 122 -21.26 -33.22 -1.56
N ARG A 123 -20.78 -32.33 -0.69
CA ARG A 123 -19.48 -32.46 -0.02
C ARG A 123 -19.59 -32.82 1.47
N ASN A 124 -20.82 -33.06 1.93
CA ASN A 124 -21.11 -33.44 3.30
C ASN A 124 -20.60 -32.42 4.31
N LEU A 125 -20.86 -31.16 3.98
CA LEU A 125 -20.43 -30.02 4.80
C LEU A 125 -21.62 -29.36 5.45
N ASP A 126 -21.53 -29.22 6.77
CA ASP A 126 -22.54 -28.56 7.57
C ASP A 126 -22.49 -27.05 7.28
N VAL A 127 -23.59 -26.48 6.78
CA VAL A 127 -23.64 -25.06 6.44
C VAL A 127 -23.25 -24.15 7.59
N SER A 128 -23.55 -24.57 8.82
CA SER A 128 -23.18 -23.76 9.99
C SER A 128 -21.66 -23.63 10.19
N LYS A 129 -20.90 -24.54 9.56
CA LYS A 129 -19.45 -24.55 9.66
C LYS A 129 -18.74 -23.94 8.45
N VAL A 130 -19.49 -23.48 7.45
CA VAL A 130 -18.90 -22.96 6.22
C VAL A 130 -18.80 -21.43 6.23
N ARG A 131 -17.56 -20.96 6.27
CA ARG A 131 -17.27 -19.54 6.22
C ARG A 131 -17.17 -19.16 4.75
N VAL A 132 -17.61 -17.96 4.41
CA VAL A 132 -17.49 -17.49 3.04
C VAL A 132 -16.75 -16.17 3.04
N ALA A 133 -15.66 -16.14 2.30
CA ALA A 133 -14.87 -14.94 2.13
C ALA A 133 -15.57 -14.02 1.13
N PRO A 134 -15.72 -12.76 1.50
CA PRO A 134 -16.36 -11.76 0.65
C PRO A 134 -15.31 -11.07 -0.22
N LEU A 135 -15.22 -11.47 -1.47
CA LEU A 135 -14.07 -11.15 -2.27
C LEU A 135 -14.45 -10.24 -3.40
N SER A 136 -13.56 -9.30 -3.73
CA SER A 136 -13.85 -8.35 -4.79
C SER A 136 -14.03 -9.12 -6.10
N ALA A 137 -14.87 -8.59 -6.97
CA ALA A 137 -15.36 -9.30 -8.13
C ALA A 137 -14.58 -9.04 -9.42
N GLY A 138 -14.00 -7.86 -9.52
CA GLY A 138 -13.36 -7.42 -10.75
C GLY A 138 -14.37 -7.29 -11.88
N VAL A 139 -13.88 -7.38 -13.11
CA VAL A 139 -14.67 -7.14 -14.33
C VAL A 139 -14.30 -8.23 -15.33
N PHE A 140 -15.26 -9.10 -15.61
CA PHE A 140 -15.08 -10.21 -16.53
C PHE A 140 -16.23 -10.25 -17.54
N GLU A 141 -16.82 -11.41 -17.80
CA GLU A 141 -17.71 -11.58 -18.96
C GLU A 141 -19.20 -11.52 -18.61
N TYR A 142 -19.50 -11.24 -17.35
CA TYR A 142 -20.87 -11.33 -16.84
C TYR A 142 -21.58 -9.99 -16.98
N ALA A 143 -22.31 -9.81 -18.08
CA ALA A 143 -22.86 -8.50 -18.43
C ALA A 143 -23.85 -7.96 -17.38
N GLU A 144 -24.52 -8.87 -16.66
CA GLU A 144 -25.48 -8.49 -15.64
C GLU A 144 -24.85 -7.77 -14.43
N GLU A 145 -23.54 -7.93 -14.24
CA GLU A 145 -22.84 -7.30 -13.13
C GLU A 145 -22.55 -5.81 -13.32
N ARG A 146 -22.65 -5.33 -14.56
CA ARG A 146 -22.31 -3.93 -14.87
C ARG A 146 -23.31 -2.95 -14.24
N GLY A 147 -22.80 -2.07 -13.36
CA GLY A 147 -23.64 -1.20 -12.56
C GLY A 147 -24.20 -1.77 -11.25
N ARG A 148 -23.87 -3.03 -10.94
CA ARG A 148 -24.30 -3.70 -9.71
C ARG A 148 -23.11 -3.92 -8.76
N ARG A 149 -23.38 -3.85 -7.45
CA ARG A 149 -22.36 -4.12 -6.43
C ARG A 149 -22.34 -5.62 -6.17
N ILE A 150 -21.31 -6.29 -6.69
CA ILE A 150 -21.14 -7.73 -6.61
C ILE A 150 -19.97 -8.09 -5.71
N LEU A 151 -20.13 -9.12 -4.89
CA LEU A 151 -18.99 -9.79 -4.25
C LEU A 151 -19.05 -11.26 -4.62
N ARG A 152 -17.89 -11.89 -4.76
CA ARG A 152 -17.81 -13.33 -5.03
C ARG A 152 -17.39 -14.02 -3.73
N GLY A 153 -17.86 -15.24 -3.53
CA GLY A 153 -17.64 -15.96 -2.28
C GLY A 153 -16.92 -17.27 -2.54
N LEU A 154 -15.82 -17.49 -1.82
CA LEU A 154 -15.14 -18.77 -1.78
C LEU A 154 -15.28 -19.30 -0.37
N ALA A 155 -15.44 -20.62 -0.27
CA ALA A 155 -15.84 -21.26 0.98
C ALA A 155 -14.66 -21.95 1.65
N PHE A 156 -14.65 -21.89 2.99
CA PHE A 156 -13.63 -22.50 3.83
C PHE A 156 -14.34 -23.05 5.04
N VAL A 157 -14.04 -24.29 5.41
CA VAL A 157 -14.67 -24.94 6.55
C VAL A 157 -13.96 -24.62 7.87
N GLN A 158 -14.74 -24.27 8.89
CA GLN A 158 -14.24 -24.01 10.22
C GLN A 158 -14.82 -25.12 11.11
N ASP A 159 -13.97 -25.99 11.64
CA ASP A 159 -14.42 -27.19 12.36
C ASP A 159 -14.99 -26.86 13.72
N PHE A 160 -14.50 -25.77 14.29
CA PHE A 160 -14.99 -25.28 15.57
C PHE A 160 -14.64 -23.78 15.64
N PRO A 161 -15.21 -23.03 16.58
CA PRO A 161 -15.07 -21.57 16.60
C PRO A 161 -13.65 -21.02 16.47
N GLU A 162 -12.66 -21.69 17.06
CA GLU A 162 -11.27 -21.23 17.06
C GLU A 162 -10.39 -21.85 15.95
N ASP A 163 -11.01 -22.57 15.02
CA ASP A 163 -10.30 -23.26 13.96
C ASP A 163 -9.90 -22.30 12.87
N SER A 164 -8.75 -22.54 12.24
CA SER A 164 -8.31 -21.73 11.11
C SER A 164 -8.94 -22.31 9.85
N ALA A 165 -9.88 -21.57 9.28
CA ALA A 165 -10.70 -22.09 8.19
C ALA A 165 -9.87 -22.28 6.93
N TRP A 166 -8.78 -21.51 6.83
CA TRP A 166 -7.89 -21.48 5.65
C TRP A 166 -7.26 -22.87 5.38
N ALA A 167 -7.19 -23.70 6.42
CA ALA A 167 -6.72 -25.08 6.27
C ALA A 167 -7.69 -25.97 5.48
N HIS A 168 -8.94 -25.52 5.30
CA HIS A 168 -10.00 -26.34 4.76
C HIS A 168 -10.75 -25.65 3.61
N PRO A 169 -10.04 -25.28 2.54
CA PRO A 169 -10.73 -24.65 1.42
C PRO A 169 -11.68 -25.65 0.75
N VAL A 170 -12.79 -25.12 0.21
CA VAL A 170 -13.78 -25.91 -0.51
C VAL A 170 -13.62 -25.54 -1.98
N ASP A 171 -12.82 -26.34 -2.69
CA ASP A 171 -12.50 -26.04 -4.06
C ASP A 171 -13.61 -26.55 -4.96
N GLY A 172 -13.65 -25.99 -6.17
CA GLY A 172 -14.62 -26.40 -7.19
C GLY A 172 -15.93 -25.65 -7.05
N LEU A 173 -15.98 -24.66 -6.16
CA LEU A 173 -17.22 -23.98 -5.82
C LEU A 173 -16.96 -22.50 -5.64
N VAL A 174 -17.77 -21.69 -6.31
CA VAL A 174 -17.74 -20.25 -6.15
C VAL A 174 -19.14 -19.68 -6.36
N ALA A 175 -19.49 -18.62 -5.62
CA ALA A 175 -20.78 -17.95 -5.78
C ALA A 175 -20.61 -16.44 -5.98
N TYR A 176 -21.56 -15.84 -6.68
CA TYR A 176 -21.58 -14.41 -6.95
C TYR A 176 -22.86 -13.85 -6.29
N VAL A 177 -22.75 -12.72 -5.59
CA VAL A 177 -23.86 -12.16 -4.84
C VAL A 177 -23.99 -10.64 -5.06
N ASP A 178 -25.23 -10.17 -5.24
CA ASP A 178 -25.55 -8.76 -5.33
C ASP A 178 -25.83 -8.29 -3.91
N VAL A 179 -24.91 -7.54 -3.33
CA VAL A 179 -25.05 -7.15 -1.91
C VAL A 179 -26.01 -5.99 -1.63
N VAL A 180 -26.56 -5.37 -2.67
CA VAL A 180 -27.58 -4.33 -2.49
C VAL A 180 -29.00 -4.89 -2.59
N SER A 181 -29.31 -5.57 -3.70
CA SER A 181 -30.59 -6.25 -3.84
C SER A 181 -30.64 -7.52 -2.99
N LYS A 182 -29.48 -7.95 -2.50
CA LYS A 182 -29.38 -9.13 -1.64
C LYS A 182 -29.94 -10.36 -2.35
N GLU A 183 -29.35 -10.65 -3.51
CA GLU A 183 -29.69 -11.80 -4.34
C GLU A 183 -28.42 -12.56 -4.71
N VAL A 184 -28.51 -13.89 -4.75
CA VAL A 184 -27.42 -14.70 -5.26
C VAL A 184 -27.56 -14.83 -6.78
N THR A 185 -26.63 -14.24 -7.52
CA THR A 185 -26.72 -14.24 -9.00
C THR A 185 -26.29 -15.53 -9.66
N ARG A 186 -25.21 -16.14 -9.17
CA ARG A 186 -24.72 -17.39 -9.75
C ARG A 186 -24.08 -18.26 -8.67
N VAL A 187 -24.25 -19.57 -8.80
CA VAL A 187 -23.50 -20.53 -8.01
C VAL A 187 -22.87 -21.49 -9.00
N ILE A 188 -21.54 -21.53 -9.03
CA ILE A 188 -20.79 -22.37 -9.95
C ILE A 188 -20.16 -23.54 -9.21
N ASP A 189 -20.48 -24.75 -9.64
CA ASP A 189 -19.91 -25.95 -9.05
C ASP A 189 -19.28 -26.77 -10.19
N THR A 190 -17.95 -26.80 -10.25
CA THR A 190 -17.20 -27.51 -11.29
C THR A 190 -16.85 -28.96 -10.91
N GLY A 191 -17.19 -29.33 -9.68
CA GLY A 191 -16.98 -30.68 -9.21
C GLY A 191 -16.38 -30.67 -7.82
N VAL A 192 -16.54 -31.78 -7.12
CA VAL A 192 -16.04 -31.89 -5.77
C VAL A 192 -14.51 -32.14 -5.79
N PHE A 193 -13.82 -31.47 -4.88
CA PHE A 193 -12.47 -31.78 -4.51
C PHE A 193 -12.48 -32.15 -3.05
N PRO A 194 -11.57 -33.01 -2.61
CA PRO A 194 -11.42 -33.29 -1.18
C PRO A 194 -11.15 -32.01 -0.40
N VAL A 195 -11.87 -31.78 0.68
CA VAL A 195 -11.55 -30.66 1.56
C VAL A 195 -10.40 -31.09 2.44
N PRO A 196 -9.25 -30.41 2.35
CA PRO A 196 -8.08 -30.80 3.13
C PRO A 196 -8.43 -30.92 4.60
N ALA A 197 -7.97 -31.98 5.25
CA ALA A 197 -8.41 -32.32 6.59
C ALA A 197 -7.51 -31.86 7.74
N GLU A 198 -6.20 -31.76 7.51
CA GLU A 198 -5.28 -31.37 8.60
C GLU A 198 -5.65 -29.99 9.08
N HIS A 199 -5.60 -29.78 10.39
CA HIS A 199 -5.77 -28.44 10.94
C HIS A 199 -4.50 -27.57 10.76
N GLY A 200 -4.69 -26.25 10.76
CA GLY A 200 -3.61 -25.28 10.63
C GLY A 200 -3.60 -24.34 11.83
N ASN A 201 -3.84 -24.91 13.00
CA ASN A 201 -3.97 -24.13 14.22
C ASN A 201 -2.62 -23.94 14.91
N TYR A 202 -2.02 -22.80 14.60
CA TYR A 202 -0.65 -22.48 15.00
C TYR A 202 -0.52 -22.09 16.49
N THR A 203 -1.62 -22.07 17.24
CA THR A 203 -1.54 -21.97 18.72
C THR A 203 -1.87 -23.29 19.45
N ASP A 204 -2.24 -24.32 18.70
CA ASP A 204 -2.49 -25.66 19.25
C ASP A 204 -1.19 -26.36 19.62
N PRO A 205 -0.97 -26.69 20.91
CA PRO A 205 0.25 -27.39 21.34
C PRO A 205 0.56 -28.68 20.58
N GLU A 206 -0.46 -29.35 20.07
CA GLU A 206 -0.28 -30.55 19.25
C GLU A 206 0.55 -30.27 18.00
N LEU A 207 0.39 -29.08 17.44
CA LEU A 207 1.10 -28.71 16.21
C LEU A 207 2.42 -27.98 16.47
N THR A 208 2.45 -27.12 17.48
CA THR A 208 3.64 -26.34 17.80
C THR A 208 4.66 -27.20 18.52
N GLY A 209 4.18 -28.22 19.23
CA GLY A 209 4.98 -28.90 20.25
C GLY A 209 5.24 -27.98 21.42
N PRO A 210 6.09 -28.43 22.34
CA PRO A 210 6.46 -27.60 23.51
C PRO A 210 7.13 -26.32 23.05
N LEU A 211 6.70 -25.19 23.58
CA LEU A 211 7.26 -23.93 23.17
C LEU A 211 8.69 -23.81 23.66
N ARG A 212 9.52 -23.11 22.89
CA ARG A 212 10.93 -22.94 23.25
C ARG A 212 11.06 -22.20 24.53
N THR A 213 12.01 -22.66 25.34
CA THR A 213 12.38 -21.97 26.57
C THR A 213 13.77 -21.35 26.47
N THR A 214 14.29 -21.26 25.25
CA THR A 214 15.70 -20.88 25.02
C THR A 214 15.92 -19.40 24.76
N GLN A 215 14.85 -18.65 24.48
CA GLN A 215 14.99 -17.24 24.17
C GLN A 215 15.09 -16.43 25.45
N LYS A 216 16.24 -15.82 25.65
CA LYS A 216 16.46 -14.90 26.75
C LYS A 216 16.04 -13.50 26.31
N PRO A 217 15.56 -12.70 27.26
CA PRO A 217 15.09 -11.35 26.95
C PRO A 217 16.08 -10.44 26.25
N ILE A 218 15.56 -9.63 25.34
CA ILE A 218 16.29 -8.51 24.80
C ILE A 218 15.52 -7.28 25.29
N SER A 219 16.22 -6.36 25.94
CA SER A 219 15.57 -5.16 26.45
C SER A 219 16.11 -3.94 25.70
N ILE A 220 15.22 -3.21 25.04
CA ILE A 220 15.58 -1.97 24.35
C ILE A 220 14.90 -0.81 25.05
N THR A 221 15.70 0.08 25.62
CA THR A 221 15.18 1.23 26.36
C THR A 221 15.88 2.51 25.97
N GLN A 222 15.21 3.63 26.27
CA GLN A 222 15.76 4.94 26.07
C GLN A 222 15.56 5.69 27.39
N PRO A 223 16.60 5.70 28.22
CA PRO A 223 16.46 6.24 29.58
C PRO A 223 16.14 7.73 29.64
N GLU A 224 16.52 8.47 28.60
CA GLU A 224 16.21 9.89 28.47
C GLU A 224 15.05 10.18 27.50
N GLY A 225 14.30 9.14 27.11
CA GLY A 225 13.26 9.29 26.11
C GLY A 225 13.83 9.30 24.68
N PRO A 226 12.96 9.47 23.69
CA PRO A 226 13.35 9.42 22.28
C PRO A 226 13.97 10.73 21.85
N SER A 227 14.72 10.69 20.76
CA SER A 227 15.43 11.85 20.21
C SER A 227 14.54 12.65 19.27
N PHE A 228 13.38 12.10 18.91
CA PHE A 228 12.42 12.84 18.10
C PHE A 228 11.40 13.54 18.98
N THR A 229 10.84 14.63 18.46
CA THR A 229 9.73 15.35 19.10
C THR A 229 8.51 15.24 18.22
N VAL A 230 7.35 15.22 18.84
CA VAL A 230 6.08 15.33 18.16
C VAL A 230 5.37 16.60 18.65
N THR A 231 4.98 17.46 17.72
CA THR A 231 4.21 18.66 18.00
C THR A 231 3.04 18.77 17.04
N GLY A 232 2.02 19.51 17.46
CA GLY A 232 0.79 19.62 16.71
C GLY A 232 0.16 18.28 16.35
N GLY A 233 0.36 17.27 17.20
CA GLY A 233 -0.24 15.97 17.01
C GLY A 233 0.53 15.01 16.11
N ASN A 234 1.14 15.54 15.05
CA ASN A 234 1.73 14.67 14.04
C ASN A 234 2.92 15.24 13.31
N HIS A 235 3.48 16.32 13.83
CA HIS A 235 4.68 16.90 13.25
C HIS A 235 5.89 16.33 13.96
N ILE A 236 6.73 15.65 13.18
CA ILE A 236 7.93 15.01 13.67
C ILE A 236 9.18 15.82 13.34
N GLU A 237 10.06 15.96 14.32
CA GLU A 237 11.40 16.49 14.10
C GLU A 237 12.39 15.49 14.66
N TRP A 238 13.31 15.02 13.82
CA TRP A 238 14.29 14.01 14.23
C TRP A 238 15.56 14.10 13.43
N GLU A 239 16.68 14.39 14.12
CA GLU A 239 18.02 14.35 13.54
C GLU A 239 18.09 15.04 12.17
N LYS A 240 17.58 16.27 12.15
CA LYS A 240 17.60 17.18 11.00
C LYS A 240 16.39 17.00 10.09
N TRP A 241 15.71 15.86 10.19
CA TRP A 241 14.48 15.63 9.44
C TRP A 241 13.28 16.32 10.05
N SER A 242 12.35 16.67 9.16
CA SER A 242 11.09 17.31 9.48
C SER A 242 10.04 16.69 8.57
N LEU A 243 8.89 16.32 9.12
CA LEU A 243 7.78 15.79 8.35
C LEU A 243 6.48 15.79 9.14
N ASP A 244 5.37 15.57 8.45
CA ASP A 244 4.07 15.40 9.08
C ASP A 244 3.56 14.02 8.74
N VAL A 245 3.10 13.28 9.75
CA VAL A 245 2.58 11.93 9.55
C VAL A 245 1.06 12.00 9.42
N GLY A 246 0.57 11.83 8.20
CA GLY A 246 -0.85 11.75 7.94
C GLY A 246 -1.35 10.31 7.93
N PHE A 247 -2.66 10.20 7.89
CA PHE A 247 -3.34 8.92 7.82
C PHE A 247 -4.64 9.09 7.05
N ASP A 248 -4.82 8.16 6.12
CA ASP A 248 -5.97 8.14 5.28
C ASP A 248 -6.51 6.72 5.27
N VAL A 249 -7.84 6.60 5.28
CA VAL A 249 -8.48 5.32 5.37
C VAL A 249 -8.16 4.41 4.16
N ARG A 250 -7.93 5.02 2.99
CA ARG A 250 -7.54 4.27 1.81
C ARG A 250 -6.04 3.89 1.84
N GLU A 251 -5.17 4.89 1.87
CA GLU A 251 -3.73 4.69 1.69
C GLU A 251 -3.01 4.25 2.95
N GLY A 252 -3.59 4.51 4.11
CA GLY A 252 -2.95 4.28 5.39
C GLY A 252 -2.03 5.44 5.75
N VAL A 253 -0.85 5.14 6.30
CA VAL A 253 0.12 6.20 6.67
C VAL A 253 0.62 6.90 5.41
N VAL A 254 0.55 8.23 5.45
CA VAL A 254 0.99 9.09 4.35
C VAL A 254 1.97 10.09 4.94
N LEU A 255 3.13 10.27 4.31
CA LEU A 255 4.11 11.23 4.81
C LEU A 255 4.01 12.51 4.00
N HIS A 256 3.99 13.65 4.70
CA HIS A 256 3.89 14.95 4.08
C HIS A 256 5.09 15.81 4.44
N ASN A 257 5.52 16.65 3.51
CA ASN A 257 6.56 17.66 3.79
C ASN A 257 7.87 17.11 4.36
N ILE A 258 8.38 16.04 3.75
CA ILE A 258 9.65 15.48 4.15
C ILE A 258 10.72 16.46 3.72
N ALA A 259 11.47 16.95 4.71
CA ALA A 259 12.48 17.97 4.51
C ALA A 259 13.64 17.71 5.47
N PHE A 260 14.80 18.27 5.16
CA PHE A 260 16.02 18.05 5.93
C PHE A 260 16.64 19.42 6.23
N ARG A 261 17.00 19.66 7.49
CA ARG A 261 17.58 20.94 7.91
C ARG A 261 19.09 20.87 7.70
N ASP A 262 19.54 21.53 6.63
CA ASP A 262 20.94 21.53 6.25
C ASP A 262 21.49 22.88 6.66
N GLY A 263 22.23 22.90 7.75
CA GLY A 263 22.69 24.16 8.33
C GLY A 263 21.47 24.92 8.79
N ASP A 264 21.28 26.12 8.24
CA ASP A 264 20.16 26.96 8.66
C ASP A 264 18.94 26.87 7.74
N ARG A 265 19.01 26.07 6.66
CA ARG A 265 17.95 26.02 5.67
C ARG A 265 17.19 24.70 5.74
N LEU A 266 15.86 24.79 5.80
CA LEU A 266 15.00 23.63 5.74
C LEU A 266 14.77 23.31 4.27
N ARG A 267 15.33 22.19 3.81
CA ARG A 267 15.34 21.83 2.40
C ARG A 267 14.33 20.74 2.14
N PRO A 268 13.29 21.02 1.36
CA PRO A 268 12.32 20.01 0.98
C PRO A 268 12.96 18.90 0.15
N ILE A 269 12.42 17.69 0.30
CA ILE A 269 12.84 16.55 -0.49
C ILE A 269 11.62 15.90 -1.17
N ILE A 270 10.64 15.46 -0.37
CA ILE A 270 9.40 14.86 -0.89
C ILE A 270 8.19 15.56 -0.29
N ASN A 271 7.30 16.05 -1.14
CA ASN A 271 6.08 16.73 -0.70
C ASN A 271 5.04 15.76 -0.15
N ARG A 272 4.89 14.60 -0.78
CA ARG A 272 3.95 13.60 -0.32
C ARG A 272 4.40 12.23 -0.73
N ALA A 273 4.42 11.32 0.24
CA ALA A 273 4.78 9.92 -0.02
C ALA A 273 3.68 9.02 0.49
N SER A 274 3.24 8.11 -0.37
CA SER A 274 2.23 7.15 0.03
C SER A 274 2.33 5.89 -0.81
N ILE A 275 1.71 4.83 -0.31
CA ILE A 275 1.43 3.65 -1.12
C ILE A 275 0.01 3.87 -1.66
N ALA A 276 -0.07 4.21 -2.94
CA ALA A 276 -1.31 4.70 -3.51
C ALA A 276 -2.16 3.59 -4.06
N GLU A 277 -1.57 2.39 -4.18
CA GLU A 277 -2.28 1.17 -4.54
C GLU A 277 -1.47 -0.07 -4.19
N MET A 278 -2.18 -1.17 -3.96
CA MET A 278 -1.55 -2.46 -3.90
C MET A 278 -2.52 -3.50 -4.38
N VAL A 279 -2.02 -4.38 -5.23
CA VAL A 279 -2.85 -5.41 -5.86
C VAL A 279 -2.21 -6.78 -5.68
N VAL A 280 -3.07 -7.78 -5.52
CA VAL A 280 -2.65 -9.17 -5.36
C VAL A 280 -3.31 -9.99 -6.46
N PRO A 281 -2.67 -10.08 -7.62
CA PRO A 281 -3.17 -10.92 -8.70
C PRO A 281 -2.83 -12.39 -8.52
N TYR A 282 -3.80 -13.27 -8.77
CA TYR A 282 -3.57 -14.72 -8.67
C TYR A 282 -3.38 -15.34 -10.03
N GLY A 283 -2.48 -16.32 -10.06
CA GLY A 283 -2.00 -16.93 -11.26
C GLY A 283 -2.48 -18.35 -11.53
N ASP A 284 -3.58 -18.74 -10.88
CA ASP A 284 -4.22 -20.06 -11.07
C ASP A 284 -5.31 -19.92 -12.13
N PRO A 285 -5.21 -20.61 -13.25
CA PRO A 285 -6.24 -20.52 -14.29
C PRO A 285 -7.56 -21.25 -13.97
N SER A 286 -7.70 -21.92 -12.82
CA SER A 286 -9.00 -22.52 -12.46
C SER A 286 -10.06 -21.44 -12.46
N PRO A 287 -11.24 -21.70 -13.04
CA PRO A 287 -12.35 -20.73 -12.99
C PRO A 287 -12.84 -20.41 -11.56
N ILE A 288 -12.50 -21.27 -10.61
CA ILE A 288 -12.81 -20.98 -9.20
C ILE A 288 -12.06 -19.75 -8.67
N ARG A 289 -10.84 -19.51 -9.18
CA ARG A 289 -10.04 -18.39 -8.70
C ARG A 289 -9.48 -17.48 -9.80
N SER A 290 -9.75 -17.74 -11.08
CA SER A 290 -9.02 -16.99 -12.12
C SER A 290 -9.42 -15.50 -12.20
N TRP A 291 -10.49 -15.13 -11.49
CA TRP A 291 -10.99 -13.76 -11.40
C TRP A 291 -10.38 -12.99 -10.22
N GLN A 292 -9.59 -13.67 -9.40
CA GLN A 292 -9.11 -13.15 -8.10
C GLN A 292 -8.01 -12.13 -8.28
N ASN A 293 -8.29 -10.86 -7.93
CA ASN A 293 -7.27 -9.84 -7.83
C ASN A 293 -7.69 -8.85 -6.78
N TYR A 294 -6.97 -8.81 -5.68
CA TYR A 294 -7.39 -7.96 -4.58
C TYR A 294 -6.61 -6.67 -4.60
N PHE A 295 -7.30 -5.56 -4.84
CA PHE A 295 -6.70 -4.25 -4.68
C PHE A 295 -6.94 -3.85 -3.24
N ASP A 296 -6.05 -4.26 -2.35
CA ASP A 296 -6.29 -4.04 -0.94
C ASP A 296 -6.49 -2.56 -0.60
N THR A 297 -5.71 -1.69 -1.23
CA THR A 297 -5.79 -0.25 -1.01
C THR A 297 -7.04 0.33 -1.66
N GLY A 298 -7.19 0.11 -2.96
CA GLY A 298 -8.28 0.71 -3.73
C GLY A 298 -9.68 0.17 -3.51
N GLU A 299 -9.81 -1.14 -3.35
CA GLU A 299 -11.10 -1.80 -3.16
C GLU A 299 -11.50 -1.94 -1.69
N TYR A 300 -10.54 -2.27 -0.82
CA TYR A 300 -10.85 -2.56 0.59
C TYR A 300 -10.56 -1.42 1.57
N LEU A 301 -9.59 -0.56 1.24
CA LEU A 301 -9.13 0.54 2.08
C LEU A 301 -8.27 0.01 3.24
N VAL A 302 -6.95 -0.02 3.04
CA VAL A 302 -6.05 -0.62 4.02
C VAL A 302 -6.01 0.10 5.36
N GLY A 303 -6.18 1.41 5.33
CA GLY A 303 -6.21 2.18 6.56
C GLY A 303 -7.34 1.77 7.49
N GLN A 304 -8.49 1.41 6.93
CA GLN A 304 -9.68 1.05 7.70
C GLN A 304 -9.44 -0.16 8.61
N TYR A 305 -8.55 -1.06 8.18
CA TYR A 305 -8.27 -2.31 8.88
C TYR A 305 -6.93 -2.33 9.63
N ALA A 306 -6.38 -1.14 9.88
CA ALA A 306 -5.13 -1.03 10.61
C ALA A 306 -5.33 -1.65 11.98
N ASN A 307 -4.35 -2.44 12.40
CA ASN A 307 -4.39 -3.06 13.72
C ASN A 307 -4.09 -2.05 14.82
N SER A 308 -4.65 -2.29 16.01
CA SER A 308 -4.15 -1.66 17.24
C SER A 308 -2.92 -2.43 17.69
N LEU A 309 -1.79 -1.73 17.75
CA LEU A 309 -0.48 -2.35 17.91
C LEU A 309 -0.06 -2.35 19.37
N GLU A 310 0.33 -3.52 19.86
CA GLU A 310 0.58 -3.72 21.29
C GLU A 310 2.06 -3.54 21.61
N LEU A 311 2.33 -2.93 22.76
CA LEU A 311 3.68 -2.54 23.16
C LEU A 311 4.51 -3.75 23.59
N GLY A 312 5.75 -3.79 23.11
CA GLY A 312 6.68 -4.88 23.38
C GLY A 312 6.38 -6.11 22.56
N CYS A 313 5.41 -6.00 21.68
CA CYS A 313 4.91 -7.11 20.91
C CYS A 313 4.99 -6.77 19.42
N ASP A 314 4.17 -5.83 18.97
CA ASP A 314 4.23 -5.37 17.58
C ASP A 314 5.34 -4.36 17.37
N CYS A 315 5.54 -3.50 18.36
CA CYS A 315 6.54 -2.45 18.28
C CYS A 315 7.37 -2.47 19.55
N LEU A 316 8.67 -2.63 19.39
CA LEU A 316 9.56 -2.86 20.51
C LEU A 316 10.47 -1.64 20.69
N GLY A 317 10.64 -1.23 21.94
CA GLY A 317 11.49 -0.09 22.29
C GLY A 317 10.67 1.01 22.95
N ASP A 318 11.20 2.22 22.88
CA ASP A 318 10.49 3.41 23.35
C ASP A 318 9.63 3.92 22.21
N ILE A 319 8.35 3.55 22.25
CA ILE A 319 7.40 3.80 21.16
C ILE A 319 6.52 5.01 21.48
N THR A 320 6.37 5.88 20.50
CA THR A 320 5.33 6.91 20.52
C THR A 320 4.25 6.50 19.52
N TYR A 321 2.99 6.45 19.98
CA TYR A 321 1.88 6.03 19.14
C TYR A 321 1.06 7.21 18.68
N LEU A 322 0.53 7.14 17.47
CA LEU A 322 -0.61 7.96 17.05
C LEU A 322 -1.83 7.07 16.92
N SER A 323 -3.01 7.67 17.16
CA SER A 323 -4.28 6.96 17.16
C SER A 323 -5.19 7.71 16.22
N PRO A 324 -5.08 7.40 14.94
CA PRO A 324 -5.84 8.10 13.90
C PRO A 324 -7.33 7.82 14.03
N VAL A 325 -8.14 8.78 13.59
CA VAL A 325 -9.58 8.70 13.65
C VAL A 325 -10.09 8.59 12.22
N ILE A 326 -11.00 7.63 12.03
CA ILE A 326 -11.73 7.46 10.80
C ILE A 326 -13.25 7.49 11.02
N SER A 327 -13.99 7.57 9.93
CA SER A 327 -15.45 7.52 9.96
C SER A 327 -15.93 6.09 9.88
N ASP A 328 -16.93 5.75 10.68
CA ASP A 328 -17.71 4.52 10.42
C ASP A 328 -18.71 4.77 9.30
N ALA A 329 -19.57 3.79 9.03
CA ALA A 329 -20.48 3.85 7.88
C ALA A 329 -21.55 4.95 7.99
N PHE A 330 -21.78 5.45 9.21
CA PHE A 330 -22.81 6.46 9.44
C PHE A 330 -22.25 7.86 9.63
N GLY A 331 -20.93 8.00 9.60
CA GLY A 331 -20.27 9.28 9.78
C GLY A 331 -19.87 9.57 11.22
N ASN A 332 -19.99 8.59 12.12
CA ASN A 332 -19.46 8.74 13.48
C ASN A 332 -17.96 8.45 13.51
N PRO A 333 -17.19 9.22 14.29
CA PRO A 333 -15.74 8.97 14.42
C PRO A 333 -15.45 7.69 15.20
N ARG A 334 -14.43 7.00 14.73
CA ARG A 334 -13.92 5.79 15.35
C ARG A 334 -12.40 5.91 15.41
N GLU A 335 -11.84 5.70 16.60
CA GLU A 335 -10.42 5.78 16.81
C GLU A 335 -9.77 4.43 16.56
N ILE A 336 -8.65 4.42 15.85
CA ILE A 336 -7.80 3.24 15.78
C ILE A 336 -6.71 3.46 16.80
N ARG A 337 -6.94 2.93 18.01
CA ARG A 337 -6.02 3.14 19.11
C ARG A 337 -4.68 2.52 18.78
N ASN A 338 -3.63 3.30 18.96
CA ASN A 338 -2.26 2.84 18.77
C ASN A 338 -2.07 2.22 17.38
N GLY A 339 -2.68 2.85 16.39
CA GLY A 339 -2.64 2.37 15.02
C GLY A 339 -1.36 2.72 14.27
N ILE A 340 -0.62 3.72 14.73
CA ILE A 340 0.65 4.12 14.11
C ILE A 340 1.77 4.08 15.14
N CYS A 341 2.85 3.34 14.84
CA CYS A 341 4.04 3.31 15.68
C CYS A 341 5.12 4.21 15.18
N MET A 342 5.75 4.92 16.11
CA MET A 342 6.89 5.78 15.83
C MET A 342 7.96 5.52 16.87
N HIS A 343 9.16 5.17 16.39
CA HIS A 343 10.34 5.00 17.24
C HIS A 343 11.61 5.16 16.42
N GLU A 344 12.70 5.42 17.12
CA GLU A 344 14.02 5.42 16.48
C GLU A 344 14.72 4.15 16.91
N GLU A 345 15.61 3.64 16.05
CA GLU A 345 16.40 2.49 16.41
C GLU A 345 17.81 2.57 15.85
N ASP A 346 18.71 1.92 16.56
CA ASP A 346 20.08 1.80 16.15
C ASP A 346 20.15 1.05 14.84
N TRP A 347 21.04 1.46 13.95
CA TRP A 347 21.19 0.82 12.66
C TRP A 347 22.66 0.53 12.34
N GLY A 348 23.36 -0.02 13.32
CA GLY A 348 24.73 -0.49 13.13
C GLY A 348 25.70 0.64 12.87
N ILE A 349 26.76 0.34 12.14
CA ILE A 349 27.81 1.32 11.84
C ILE A 349 27.36 2.27 10.73
N LEU A 350 27.59 3.56 10.95
CA LEU A 350 27.31 4.60 9.97
C LEU A 350 28.51 4.85 9.09
N ALA A 351 29.67 4.99 9.72
CA ALA A 351 30.92 5.28 9.05
C ALA A 351 32.08 4.86 9.92
N LYS A 352 33.16 4.41 9.28
CA LYS A 352 34.26 3.84 10.01
C LYS A 352 35.53 3.92 9.18
N HIS A 353 36.61 4.39 9.80
CA HIS A 353 37.92 4.33 9.16
C HIS A 353 39.03 4.34 10.19
N SER A 354 40.01 3.44 10.01
CA SER A 354 41.20 3.38 10.84
C SER A 354 42.38 3.72 9.93
N ASP A 355 42.95 4.91 10.10
CA ASP A 355 43.90 5.40 9.09
C ASP A 355 45.31 5.15 9.51
N LEU A 356 46.07 4.48 8.65
CA LEU A 356 47.47 4.14 8.93
C LEU A 356 48.35 5.39 9.04
N TRP A 357 48.13 6.37 8.18
CA TRP A 357 49.01 7.53 8.16
C TRP A 357 48.75 8.56 9.24
N SER A 358 47.48 8.81 9.56
CA SER A 358 47.14 9.81 10.58
C SER A 358 47.09 9.25 11.98
N GLY A 359 47.01 7.94 12.11
CA GLY A 359 46.78 7.29 13.41
C GLY A 359 45.38 7.43 13.99
N ILE A 360 44.45 8.06 13.25
CA ILE A 360 43.12 8.33 13.77
C ILE A 360 42.21 7.18 13.44
N ASN A 361 41.58 6.63 14.48
CA ASN A 361 40.53 5.62 14.36
C ASN A 361 39.19 6.26 14.70
N TYR A 362 38.23 6.03 13.81
CA TYR A 362 36.99 6.77 13.82
C TYR A 362 35.88 5.79 13.56
N THR A 363 34.88 5.81 14.43
CA THR A 363 33.68 5.00 14.27
C THR A 363 32.47 5.80 14.71
N ARG A 364 31.40 5.73 13.91
CA ARG A 364 30.13 6.35 14.28
C ARG A 364 28.97 5.39 14.00
N ARG A 365 27.93 5.45 14.83
CA ARG A 365 26.76 4.57 14.73
C ARG A 365 25.64 5.23 13.95
N ASN A 366 24.92 4.42 13.19
CA ASN A 366 23.76 4.86 12.44
C ASN A 366 22.49 4.68 13.27
N ARG A 367 21.44 5.41 12.89
CA ARG A 367 20.10 5.24 13.44
C ARG A 367 19.08 5.51 12.37
N ARG A 368 17.89 4.98 12.55
CA ARG A 368 16.77 5.33 11.68
C ARG A 368 15.51 5.60 12.48
N MET A 369 14.73 6.57 12.00
CA MET A 369 13.40 6.83 12.46
C MET A 369 12.47 5.91 11.70
N VAL A 370 11.59 5.23 12.43
CA VAL A 370 10.65 4.28 11.87
C VAL A 370 9.21 4.80 12.09
N ILE A 371 8.43 4.86 11.00
CA ILE A 371 7.00 5.14 11.10
C ILE A 371 6.22 4.03 10.43
N SER A 372 5.38 3.32 11.18
CA SER A 372 4.72 2.12 10.61
C SER A 372 3.30 1.94 11.07
N PHE A 373 2.61 1.10 10.31
CA PHE A 373 1.34 0.52 10.71
C PHE A 373 1.22 -0.89 10.14
N PHE A 374 0.26 -1.65 10.64
CA PHE A 374 0.00 -3.02 10.20
C PHE A 374 -1.48 -3.14 9.92
N THR A 375 -1.85 -3.78 8.81
CA THR A 375 -3.25 -3.93 8.46
C THR A 375 -3.55 -5.40 8.20
N THR A 376 -4.83 -5.76 8.30
CA THR A 376 -5.27 -7.13 8.04
C THR A 376 -6.40 -7.08 7.05
N ILE A 377 -6.25 -7.81 5.94
CA ILE A 377 -7.27 -7.90 4.93
C ILE A 377 -7.53 -9.39 4.73
N GLY A 378 -8.56 -9.93 5.38
CA GLY A 378 -8.87 -11.36 5.33
C GLY A 378 -7.78 -12.25 5.90
N ASN A 379 -7.19 -13.06 5.03
CA ASN A 379 -6.08 -13.95 5.39
C ASN A 379 -4.73 -13.23 5.49
N ASP A 381 -1.76 -10.17 6.19
CA ASP A 381 -1.46 -9.03 7.10
C ASP A 381 -0.22 -8.38 6.55
N TYR A 382 -0.24 -7.07 6.45
CA TYR A 382 0.87 -6.34 5.88
C TYR A 382 1.29 -5.24 6.84
N GLY A 383 2.60 -5.16 7.07
CA GLY A 383 3.27 -4.03 7.70
C GLY A 383 3.82 -3.08 6.65
N PHE A 384 3.55 -1.79 6.85
CA PHE A 384 4.03 -0.72 6.01
C PHE A 384 4.98 0.11 6.87
N TYR A 385 6.26 0.16 6.47
CA TYR A 385 7.31 0.83 7.23
C TYR A 385 7.97 1.89 6.42
N TRP A 386 8.05 3.11 6.97
CA TRP A 386 8.87 4.16 6.41
C TRP A 386 10.05 4.43 7.32
N TYR A 387 11.22 4.60 6.70
CA TYR A 387 12.50 4.78 7.39
C TYR A 387 13.20 6.06 6.93
N LEU A 388 13.68 6.85 7.90
CA LEU A 388 14.51 8.00 7.62
C LEU A 388 15.83 7.74 8.33
N TYR A 389 16.93 7.88 7.61
CA TYR A 389 18.26 7.55 8.12
C TYR A 389 19.07 8.82 8.36
N LEU A 390 20.07 8.73 9.25
CA LEU A 390 20.89 9.89 9.58
C LEU A 390 21.52 10.49 8.32
N ASP A 391 21.93 9.63 7.39
CA ASP A 391 22.66 10.07 6.20
C ASP A 391 21.81 10.63 5.05
N GLY A 392 20.50 10.78 5.26
CA GLY A 392 19.61 11.40 4.29
C GLY A 392 18.82 10.38 3.47
N THR A 393 19.13 9.12 3.64
CA THR A 393 18.40 8.04 2.94
C THR A 393 16.96 7.93 3.44
N ILE A 394 16.03 7.73 2.50
CA ILE A 394 14.64 7.49 2.76
C ILE A 394 14.30 6.11 2.20
N GLU A 395 13.62 5.28 2.97
CA GLU A 395 13.29 3.92 2.55
C GLU A 395 11.88 3.54 2.91
N PHE A 396 11.24 2.73 2.06
CA PHE A 396 10.02 2.04 2.37
C PHE A 396 10.25 0.53 2.36
N GLU A 397 9.57 -0.17 3.27
CA GLU A 397 9.56 -1.61 3.29
C GLU A 397 8.17 -2.10 3.63
N ALA A 398 7.70 -3.06 2.85
CA ALA A 398 6.47 -3.77 3.16
C ALA A 398 6.83 -5.15 3.70
N LYS A 399 6.16 -5.55 4.79
CA LYS A 399 6.35 -6.86 5.40
C LYS A 399 5.06 -7.66 5.23
N ALA A 400 5.13 -8.72 4.43
CA ALA A 400 3.98 -9.57 4.16
C ALA A 400 3.97 -10.82 5.03
N THR A 401 2.86 -11.05 5.70
CA THR A 401 2.69 -12.22 6.54
C THR A 401 1.18 -12.55 6.53
N GLY A 402 0.67 -13.25 7.54
CA GLY A 402 -0.69 -13.75 7.55
C GLY A 402 -0.71 -15.22 7.22
N VAL A 403 -1.82 -15.66 6.65
CA VAL A 403 -2.06 -17.04 6.27
C VAL A 403 -2.21 -17.06 4.73
N VAL A 404 -1.55 -17.99 4.08
CA VAL A 404 -1.63 -18.03 2.62
C VAL A 404 -3.06 -18.38 2.19
N PHE A 405 -3.49 -17.79 1.06
CA PHE A 405 -4.78 -18.11 0.50
C PHE A 405 -4.70 -19.50 -0.14
N THR A 406 -5.62 -20.38 0.24
CA THR A 406 -5.51 -21.78 -0.15
C THR A 406 -6.55 -22.27 -1.13
N SER A 407 -6.27 -23.45 -1.67
CA SER A 407 -7.13 -24.19 -2.58
C SER A 407 -6.88 -25.67 -2.34
N ALA A 408 -7.55 -26.54 -3.10
CA ALA A 408 -7.16 -27.92 -3.12
C ALA A 408 -5.85 -28.03 -3.90
N PHE A 409 -5.04 -29.04 -3.60
CA PHE A 409 -3.91 -29.35 -4.44
C PHE A 409 -4.34 -30.47 -5.38
N PRO A 410 -4.35 -30.23 -6.69
CA PRO A 410 -4.88 -31.23 -7.63
C PRO A 410 -4.10 -32.54 -7.63
N GLU A 411 -4.83 -33.65 -7.79
CA GLU A 411 -4.21 -34.93 -8.02
C GLU A 411 -3.37 -34.80 -9.29
N GLY A 412 -2.11 -35.23 -9.23
CA GLY A 412 -1.25 -35.12 -10.39
C GLY A 412 -0.51 -33.79 -10.51
N GLY A 413 -0.67 -32.91 -9.52
CA GLY A 413 0.10 -31.69 -9.45
C GLY A 413 -0.49 -30.52 -10.22
N SER A 414 0.27 -29.43 -10.23
CA SER A 414 -0.14 -28.20 -10.86
C SER A 414 1.05 -27.34 -11.25
N ASP A 415 0.95 -26.68 -12.40
CA ASP A 415 1.91 -25.67 -12.80
C ASP A 415 1.62 -24.32 -12.16
N ASN A 416 0.51 -24.17 -11.43
CA ASN A 416 0.09 -22.86 -10.95
C ASN A 416 -0.25 -22.80 -9.47
N ILE A 417 0.03 -23.87 -8.76
CA ILE A 417 -0.36 -24.04 -7.36
C ILE A 417 0.73 -24.87 -6.70
N SER A 418 1.15 -24.51 -5.49
CA SER A 418 2.08 -25.38 -4.77
C SER A 418 1.36 -26.13 -3.64
N GLN A 419 1.93 -27.25 -3.24
CA GLN A 419 1.39 -28.06 -2.14
C GLN A 419 2.00 -27.65 -0.80
N LEU A 420 1.13 -27.43 0.20
CA LEU A 420 1.53 -27.02 1.55
C LEU A 420 1.43 -28.10 2.61
N ALA A 421 0.48 -29.01 2.39
CA ALA A 421 0.10 -30.06 3.32
C ALA A 421 -0.69 -31.04 2.49
N PRO A 422 -0.96 -32.25 2.99
CA PRO A 422 -1.70 -33.24 2.20
C PRO A 422 -3.05 -32.75 1.65
N GLY A 423 -3.13 -32.67 0.32
CA GLY A 423 -4.34 -32.19 -0.36
C GLY A 423 -4.52 -30.67 -0.38
N LEU A 424 -3.62 -29.94 0.27
CA LEU A 424 -3.75 -28.50 0.47
C LEU A 424 -2.84 -27.75 -0.49
N GLY A 425 -3.43 -26.86 -1.28
CA GLY A 425 -2.72 -26.07 -2.29
C GLY A 425 -2.64 -24.60 -1.92
N ALA A 426 -1.69 -23.88 -2.53
CA ALA A 426 -1.57 -22.43 -2.45
C ALA A 426 -1.33 -21.90 -3.87
N PRO A 427 -2.34 -21.28 -4.45
CA PRO A 427 -2.18 -20.71 -5.79
C PRO A 427 -1.09 -19.63 -5.83
N PHE A 428 -0.33 -19.64 -6.92
CA PHE A 428 0.72 -18.65 -7.15
C PHE A 428 0.07 -17.27 -7.29
N HIS A 429 0.76 -16.25 -6.85
CA HIS A 429 0.24 -14.89 -6.87
C HIS A 429 1.40 -13.91 -6.71
N GLN A 430 1.10 -12.63 -6.90
CA GLN A 430 2.04 -11.55 -6.64
C GLN A 430 1.39 -10.55 -5.67
N HIS A 431 2.19 -9.78 -4.95
CA HIS A 431 1.70 -8.65 -4.18
C HIS A 431 2.44 -7.45 -4.75
N ILE A 432 1.76 -6.55 -5.41
CA ILE A 432 2.42 -5.46 -6.11
C ILE A 432 1.92 -4.11 -5.63
N PHE A 433 2.88 -3.27 -5.25
CA PHE A 433 2.63 -1.99 -4.63
C PHE A 433 2.95 -0.89 -5.63
N SER A 434 2.29 0.26 -5.47
CA SER A 434 2.63 1.49 -6.18
C SER A 434 2.90 2.57 -5.16
N ALA A 435 4.14 3.05 -5.12
CA ALA A 435 4.47 4.16 -4.24
C ALA A 435 4.32 5.44 -5.06
N ARG A 436 3.51 6.36 -4.58
CA ARG A 436 3.35 7.67 -5.21
C ARG A 436 4.19 8.69 -4.45
N LEU A 437 5.20 9.23 -5.14
CA LEU A 437 6.17 10.15 -4.55
C LEU A 437 6.06 11.48 -5.26
N ASP A 438 5.28 12.37 -4.67
CA ASP A 438 5.18 13.74 -5.12
C ASP A 438 6.44 14.46 -4.67
N MET A 439 7.35 14.58 -5.63
CA MET A 439 8.71 15.03 -5.38
C MET A 439 8.76 16.53 -5.15
N ALA A 440 9.69 16.94 -4.28
CA ALA A 440 10.00 18.36 -4.10
C ALA A 440 11.48 18.54 -3.76
N ILE A 441 12.36 18.09 -4.65
CA ILE A 441 13.80 18.17 -4.41
C ILE A 441 14.22 19.64 -4.36
N ASP A 442 14.51 20.15 -3.17
CA ASP A 442 14.82 21.56 -2.95
C ASP A 442 13.72 22.50 -3.48
N GLY A 443 12.46 22.05 -3.42
CA GLY A 443 11.37 22.77 -4.03
C GLY A 443 10.75 21.98 -5.16
N PHE A 444 9.76 22.56 -5.83
CA PHE A 444 8.93 21.84 -6.79
C PHE A 444 9.46 21.71 -8.23
N THR A 445 10.44 22.53 -8.61
CA THR A 445 11.00 22.50 -9.98
C THR A 445 11.95 21.30 -10.10
N ASN A 446 11.42 20.17 -10.58
CA ASN A 446 12.17 18.91 -10.58
C ASN A 446 12.18 18.27 -11.97
N ARG A 447 13.11 17.35 -12.16
CA ARG A 447 13.15 16.51 -13.35
C ARG A 447 13.70 15.13 -12.96
N VAL A 448 13.47 14.14 -13.82
CA VAL A 448 13.94 12.78 -13.64
C VAL A 448 14.83 12.38 -14.79
N GLU A 449 15.95 11.76 -14.45
CA GLU A 449 16.86 11.14 -15.39
C GLU A 449 16.92 9.66 -15.08
N GLU A 450 16.98 8.86 -16.13
CA GLU A 450 17.29 7.44 -16.02
C GLU A 450 18.78 7.27 -16.16
N GLU A 451 19.42 6.64 -15.18
CA GLU A 451 20.87 6.43 -15.21
C GLU A 451 21.21 4.95 -15.40
N ASP A 452 21.97 4.66 -16.45
CA ASP A 452 22.48 3.32 -16.75
C ASP A 452 23.99 3.34 -16.66
N VAL A 453 24.54 2.22 -16.20
CA VAL A 453 25.97 1.94 -16.34
C VAL A 453 26.24 1.76 -17.83
N VAL A 454 27.40 2.24 -18.26
CA VAL A 454 27.86 2.14 -19.65
C VAL A 454 29.18 1.37 -19.71
N ARG A 455 29.17 0.22 -20.35
CA ARG A 455 30.39 -0.51 -20.59
C ARG A 455 31.12 0.07 -21.79
N GLN A 456 32.46 -0.01 -21.76
CA GLN A 456 33.32 0.56 -22.79
C GLN A 456 34.21 -0.52 -23.37
N THR A 457 34.44 -0.40 -24.67
CA THR A 457 35.31 -1.32 -25.40
C THR A 457 36.78 -0.96 -25.29
N MET A 458 37.61 -2.00 -25.18
CA MET A 458 39.06 -1.88 -25.20
C MET A 458 39.43 -1.33 -26.56
N GLY A 459 40.28 -0.33 -26.56
CA GLY A 459 40.64 0.36 -27.79
C GLY A 459 41.26 1.68 -27.42
N PRO A 460 41.42 2.55 -28.41
CA PRO A 460 41.94 3.89 -28.17
C PRO A 460 41.19 4.69 -27.11
N GLY A 461 41.95 5.24 -26.18
CA GLY A 461 41.40 5.90 -25.00
C GLY A 461 41.14 4.94 -23.85
N ASN A 462 41.35 3.65 -24.06
CA ASN A 462 40.96 2.61 -23.07
C ASN A 462 41.75 1.37 -23.38
N GLU A 463 43.06 1.53 -23.45
CA GLU A 463 43.93 0.51 -24.03
C GLU A 463 43.97 -0.75 -23.18
N ARG A 464 43.79 -0.59 -21.86
CA ARG A 464 43.72 -1.73 -20.94
C ARG A 464 42.32 -2.33 -20.74
N GLY A 465 41.28 -1.70 -21.30
CA GLY A 465 39.95 -2.30 -21.30
C GLY A 465 39.33 -2.34 -19.91
N ASN A 466 39.68 -1.35 -19.10
CA ASN A 466 39.16 -1.23 -17.74
C ASN A 466 38.11 -0.17 -17.54
N ALA A 467 37.99 0.78 -18.46
CA ALA A 467 37.08 1.91 -18.24
C ALA A 467 35.62 1.48 -18.23
N PHE A 468 34.84 2.15 -17.40
CA PHE A 468 33.40 2.09 -17.47
C PHE A 468 32.86 3.43 -17.03
N SER A 469 31.62 3.69 -17.41
CA SER A 469 31.04 4.99 -17.24
C SER A 469 29.57 4.81 -16.94
N ARG A 470 28.81 5.87 -17.15
CA ARG A 470 27.38 5.88 -16.99
C ARG A 470 26.79 6.96 -17.88
N LYS A 471 25.49 6.86 -18.10
CA LYS A 471 24.77 7.83 -18.90
C LYS A 471 23.47 8.18 -18.22
N ARG A 472 23.01 9.39 -18.42
CA ARG A 472 21.75 9.86 -17.87
C ARG A 472 20.90 10.41 -19.00
N THR A 473 19.63 10.02 -19.02
CA THR A 473 18.68 10.47 -20.03
C THR A 473 17.56 11.18 -19.31
N VAL A 474 17.36 12.47 -19.60
CA VAL A 474 16.28 13.24 -19.01
C VAL A 474 14.98 12.79 -19.63
N LEU A 475 13.98 12.56 -18.78
CA LEU A 475 12.64 12.25 -19.23
C LEU A 475 11.94 13.59 -19.35
N THR A 476 11.69 14.03 -20.59
CA THR A 476 11.26 15.41 -20.80
C THR A 476 9.75 15.60 -20.79
N ARG A 477 9.02 14.57 -21.22
CA ARG A 477 7.56 14.61 -21.32
C ARG A 477 6.95 13.29 -20.91
N GLU A 478 5.70 13.32 -20.47
CA GLU A 478 5.10 12.13 -19.89
C GLU A 478 5.13 10.93 -20.85
N SER A 479 5.03 11.18 -22.15
CA SER A 479 5.04 10.08 -23.13
C SER A 479 6.34 9.26 -23.11
N GLU A 480 7.42 9.87 -22.63
CA GLU A 480 8.75 9.26 -22.54
C GLU A 480 9.06 8.77 -21.13
N ALA A 481 8.09 8.86 -20.22
CA ALA A 481 8.36 8.62 -18.80
C ALA A 481 7.75 7.36 -18.23
N VAL A 482 7.50 6.37 -19.07
CA VAL A 482 7.06 5.06 -18.62
C VAL A 482 8.22 4.09 -18.82
N ARG A 483 8.88 3.73 -17.72
CA ARG A 483 10.17 3.06 -17.75
C ARG A 483 10.15 1.70 -17.10
N GLU A 484 11.02 0.84 -17.59
CA GLU A 484 11.24 -0.48 -17.03
C GLU A 484 12.62 -0.60 -16.35
N ALA A 485 12.72 -1.56 -15.46
CA ALA A 485 13.96 -1.88 -14.77
C ALA A 485 14.98 -2.45 -15.75
N ASP A 486 16.27 -2.31 -15.42
CA ASP A 486 17.33 -3.03 -16.10
C ASP A 486 18.45 -3.27 -15.09
N ALA A 487 18.30 -4.35 -14.31
CA ALA A 487 19.24 -4.64 -13.24
C ALA A 487 20.65 -4.89 -13.75
N ARG A 488 20.76 -5.48 -14.92
CA ARG A 488 22.04 -5.82 -15.50
C ARG A 488 22.92 -4.61 -15.76
N THR A 489 22.27 -3.51 -16.11
CA THR A 489 22.94 -2.23 -16.37
C THR A 489 22.85 -1.29 -15.17
N GLY A 490 22.43 -1.81 -14.03
CA GLY A 490 22.41 -1.03 -12.81
C GLY A 490 21.52 0.21 -12.88
N ARG A 491 20.43 0.09 -13.62
CA ARG A 491 19.54 1.22 -13.83
C ARG A 491 18.90 1.78 -12.57
N THR A 492 19.02 3.08 -12.40
CA THR A 492 18.35 3.83 -11.37
C THR A 492 17.73 5.08 -11.99
N TRP A 493 17.02 5.85 -11.16
CA TRP A 493 16.41 7.08 -11.62
C TRP A 493 16.74 8.17 -10.62
N ILE A 494 17.23 9.29 -11.13
CA ILE A 494 17.60 10.43 -10.31
C ILE A 494 16.59 11.55 -10.46
N ILE A 495 16.06 12.03 -9.33
CA ILE A 495 15.20 13.20 -9.31
C ILE A 495 16.06 14.38 -8.86
N SER A 496 16.18 15.40 -9.72
CA SER A 496 17.00 16.56 -9.43
C SER A 496 16.22 17.85 -9.58
N ASN A 497 16.81 18.92 -9.07
CA ASN A 497 16.28 20.25 -9.24
C ASN A 497 17.28 20.98 -10.12
N PRO A 498 16.95 21.22 -11.39
CA PRO A 498 17.89 21.86 -12.31
C PRO A 498 18.24 23.32 -11.96
N GLU A 499 17.45 23.96 -11.10
CA GLU A 499 17.69 25.34 -10.67
C GLU A 499 18.37 25.47 -9.30
N SER A 500 18.68 24.36 -8.65
CA SER A 500 19.33 24.36 -7.35
C SER A 500 20.60 23.54 -7.45
N LYS A 501 21.76 24.21 -7.36
CA LYS A 501 23.03 23.55 -7.54
C LYS A 501 23.80 23.45 -6.22
N ASN A 502 24.57 22.38 -6.07
CA ASN A 502 25.42 22.21 -4.90
C ASN A 502 26.69 23.04 -5.13
N ARG A 503 27.61 22.99 -4.18
CA ARG A 503 28.81 23.82 -4.21
C ARG A 503 29.74 23.49 -5.37
N LEU A 504 29.57 22.30 -5.96
CA LEU A 504 30.33 21.91 -7.14
C LEU A 504 29.65 22.20 -8.47
N ASN A 505 28.62 23.07 -8.43
CA ASN A 505 27.85 23.50 -9.62
C ASN A 505 27.03 22.41 -10.32
N GLU A 506 26.65 21.40 -9.56
CA GLU A 506 25.85 20.29 -10.07
C GLU A 506 24.45 20.37 -9.47
N PRO A 507 23.41 20.12 -10.26
CA PRO A 507 22.04 20.03 -9.74
C PRO A 507 21.93 19.02 -8.60
N VAL A 508 21.26 19.43 -7.54
CA VAL A 508 21.03 18.59 -6.37
C VAL A 508 20.05 17.50 -6.76
N GLY A 509 20.20 16.34 -6.14
CA GLY A 509 19.37 15.21 -6.52
C GLY A 509 19.30 14.13 -5.48
N TYR A 510 18.37 13.21 -5.73
CA TYR A 510 18.17 11.97 -4.97
C TYR A 510 18.03 10.85 -5.99
N LYS A 511 18.62 9.70 -5.67
CA LYS A 511 18.61 8.55 -6.59
C LYS A 511 17.71 7.47 -6.00
N LEU A 512 16.79 6.99 -6.82
CA LEU A 512 15.87 5.92 -6.47
C LEU A 512 16.47 4.59 -6.85
N HIS A 513 16.63 3.73 -5.87
CA HIS A 513 17.18 2.38 -6.02
C HIS A 513 16.03 1.40 -5.81
N ALA A 514 15.68 0.71 -6.88
CA ALA A 514 14.64 -0.29 -6.89
C ALA A 514 15.25 -1.66 -6.64
N HIS A 515 14.40 -2.60 -6.22
CA HIS A 515 14.83 -3.97 -6.00
C HIS A 515 14.83 -4.79 -7.30
N ASN A 516 14.17 -4.29 -8.33
CA ASN A 516 14.12 -4.93 -9.63
C ASN A 516 13.47 -6.31 -9.63
N GLN A 517 12.44 -6.48 -8.79
CA GLN A 517 11.63 -7.69 -8.77
C GLN A 517 10.73 -7.72 -10.00
N PRO A 518 10.25 -8.90 -10.41
CA PRO A 518 9.34 -8.96 -11.54
C PRO A 518 8.10 -8.07 -11.38
N THR A 519 7.65 -7.51 -12.49
CA THR A 519 6.40 -6.74 -12.50
C THR A 519 5.24 -7.68 -12.85
N LEU A 520 4.08 -7.13 -13.21
CA LEU A 520 2.86 -7.92 -13.37
C LEU A 520 3.08 -8.97 -14.45
N LEU A 521 2.81 -10.23 -14.11
CA LEU A 521 3.09 -11.33 -15.02
C LEU A 521 1.97 -11.65 -16.01
N ALA A 522 0.74 -11.24 -15.70
CA ALA A 522 -0.46 -11.57 -16.50
C ALA A 522 -0.28 -11.19 -17.95
N ASP A 523 -0.94 -11.93 -18.84
CA ASP A 523 -0.95 -11.58 -20.24
C ASP A 523 -1.39 -10.09 -20.39
N PRO A 524 -0.74 -9.34 -21.25
CA PRO A 524 -1.11 -7.92 -21.45
C PRO A 524 -2.54 -7.68 -21.97
N GLY A 525 -3.23 -8.70 -22.47
CA GLY A 525 -4.62 -8.60 -22.89
C GLY A 525 -5.63 -9.02 -21.82
N SER A 526 -5.16 -9.33 -20.61
CA SER A 526 -6.07 -9.71 -19.54
C SER A 526 -6.77 -8.51 -18.94
N SER A 527 -7.86 -8.78 -18.22
CA SER A 527 -8.57 -7.78 -17.46
C SER A 527 -7.64 -7.13 -16.42
N ILE A 528 -6.89 -7.95 -15.66
CA ILE A 528 -5.99 -7.40 -14.66
C ILE A 528 -4.87 -6.55 -15.27
N ALA A 529 -4.36 -6.87 -16.45
CA ALA A 529 -3.32 -5.99 -17.04
C ALA A 529 -3.86 -4.60 -17.33
N ARG A 530 -5.15 -4.50 -17.63
CA ARG A 530 -5.80 -3.23 -17.90
C ARG A 530 -6.19 -2.51 -16.64
N ARG A 531 -6.74 -3.24 -15.67
CA ARG A 531 -7.13 -2.62 -14.41
C ARG A 531 -5.92 -2.23 -13.55
N ALA A 532 -4.85 -3.02 -13.63
CA ALA A 532 -3.63 -2.71 -12.92
C ALA A 532 -2.49 -2.40 -13.90
N ALA A 533 -2.78 -1.56 -14.89
CA ALA A 533 -1.77 -1.17 -15.90
C ALA A 533 -0.48 -0.64 -15.28
N PHE A 534 -0.62 0.08 -14.17
CA PHE A 534 0.52 0.64 -13.47
C PHE A 534 1.57 -0.44 -13.14
N ALA A 535 1.06 -1.65 -12.86
CA ALA A 535 1.87 -2.75 -12.33
C ALA A 535 2.70 -3.41 -13.44
N THR A 536 2.47 -3.02 -14.69
CA THR A 536 3.23 -3.55 -15.82
C THR A 536 4.58 -2.87 -16.09
N LYS A 537 4.84 -1.74 -15.44
CA LYS A 537 6.06 -0.99 -15.64
C LYS A 537 6.60 -0.53 -14.28
N ASP A 538 7.91 -0.44 -14.18
CA ASP A 538 8.54 -0.12 -12.89
C ASP A 538 8.46 1.32 -12.43
N LEU A 539 8.44 2.26 -13.38
CA LEU A 539 8.51 3.66 -13.04
C LEU A 539 7.69 4.50 -14.00
N TRP A 540 6.84 5.37 -13.45
CA TRP A 540 6.09 6.33 -14.22
C TRP A 540 6.38 7.71 -13.66
N VAL A 541 6.41 8.72 -14.54
CA VAL A 541 6.51 10.09 -14.08
C VAL A 541 5.38 10.92 -14.68
N THR A 542 4.63 11.58 -13.82
CA THR A 542 3.58 12.50 -14.28
C THR A 542 3.85 13.93 -13.80
N ARG A 543 3.27 14.86 -14.52
CA ARG A 543 3.07 16.22 -14.03
C ARG A 543 1.99 16.22 -12.93
N TYR A 544 2.25 16.92 -11.84
CA TYR A 544 1.33 16.96 -10.73
C TYR A 544 -0.01 17.53 -11.16
N ALA A 545 -1.08 16.88 -10.73
CA ALA A 545 -2.43 17.46 -10.78
C ALA A 545 -3.16 17.03 -9.54
N ASP A 546 -4.05 17.89 -9.05
CA ASP A 546 -4.73 17.62 -7.80
C ASP A 546 -5.64 16.40 -7.85
N ASP A 547 -6.18 16.09 -9.03
CA ASP A 547 -7.11 14.96 -9.15
C ASP A 547 -6.47 13.62 -9.57
N GLU A 548 -5.14 13.57 -9.66
CA GLU A 548 -4.44 12.35 -10.07
C GLU A 548 -3.79 11.75 -8.81
N ARG A 549 -4.64 11.06 -8.04
CA ARG A 549 -4.26 10.57 -6.71
C ARG A 549 -3.80 9.10 -6.71
N TYR A 550 -4.40 8.27 -7.54
CA TYR A 550 -4.17 6.83 -7.48
C TYR A 550 -3.86 6.29 -8.85
N PRO A 551 -2.98 5.30 -8.95
CA PRO A 551 -2.58 4.82 -10.29
C PRO A 551 -3.70 4.07 -11.02
N THR A 552 -4.73 3.71 -10.27
CA THR A 552 -5.94 3.01 -10.70
C THR A 552 -7.21 3.88 -10.69
N GLY A 553 -7.07 5.18 -10.48
CA GLY A 553 -8.23 6.06 -10.39
C GLY A 553 -8.93 6.01 -9.04
N ASP A 554 -9.97 6.82 -8.90
CA ASP A 554 -10.70 6.95 -7.64
C ASP A 554 -11.55 5.78 -7.32
N PHE A 555 -12.10 5.11 -8.32
CA PHE A 555 -13.03 4.01 -8.07
C PHE A 555 -12.54 2.77 -8.78
N VAL A 556 -12.00 1.85 -8.02
CA VAL A 556 -11.33 0.67 -8.56
C VAL A 556 -12.27 -0.53 -8.62
N ASN A 557 -13.12 -0.65 -7.61
CA ASN A 557 -14.06 -1.76 -7.48
C ASN A 557 -14.92 -1.92 -8.73
N GLN A 558 -14.80 -3.08 -9.37
CA GLN A 558 -15.60 -3.43 -10.56
C GLN A 558 -15.47 -2.38 -11.66
N HIS A 559 -14.27 -1.83 -11.79
CA HIS A 559 -14.06 -0.77 -12.74
C HIS A 559 -13.05 -1.25 -13.77
N SER A 560 -13.42 -1.16 -15.04
CA SER A 560 -12.54 -1.54 -16.13
C SER A 560 -11.39 -0.52 -16.24
N GLY A 561 -10.51 -0.75 -17.19
CA GLY A 561 -9.55 0.28 -17.57
C GLY A 561 -10.29 1.48 -18.08
N GLY A 562 -9.56 2.58 -18.18
CA GLY A 562 -10.08 3.86 -18.65
C GLY A 562 -9.55 5.02 -17.82
N ALA A 563 -9.21 4.73 -16.56
CA ALA A 563 -8.76 5.76 -15.62
C ALA A 563 -7.30 5.45 -15.20
N GLY A 564 -6.78 6.21 -14.26
CA GLY A 564 -5.46 5.94 -13.75
C GLY A 564 -4.31 6.36 -14.65
N LEU A 565 -3.13 5.84 -14.34
CA LEU A 565 -1.88 6.28 -14.98
C LEU A 565 -1.86 6.34 -16.50
N PRO A 566 -2.32 5.30 -17.19
CA PRO A 566 -2.32 5.36 -18.66
C PRO A 566 -3.12 6.56 -19.20
N SER A 567 -4.21 6.93 -18.54
CA SER A 567 -4.97 8.11 -18.98
C SER A 567 -4.28 9.42 -18.59
N TYR A 568 -3.60 9.44 -17.45
CA TYR A 568 -2.87 10.63 -17.02
C TYR A 568 -1.75 10.98 -17.99
N ILE A 569 -0.97 10.00 -18.41
CA ILE A 569 0.21 10.30 -19.23
C ILE A 569 -0.13 10.64 -20.66
N ALA A 570 -1.33 10.26 -21.12
CA ALA A 570 -1.79 10.65 -22.46
C ALA A 570 -1.78 12.15 -22.69
N GLN A 571 -1.86 12.92 -21.60
CA GLN A 571 -1.80 14.38 -21.68
C GLN A 571 -0.41 14.89 -22.14
N ASP A 572 0.61 14.05 -22.02
CA ASP A 572 1.94 14.30 -22.56
C ASP A 572 2.53 15.63 -22.12
N ARG A 573 2.40 15.89 -20.83
CA ARG A 573 2.75 17.19 -20.26
C ARG A 573 4.24 17.28 -20.04
N ASP A 574 4.73 18.51 -19.98
CA ASP A 574 6.14 18.80 -19.68
C ASP A 574 6.50 18.39 -18.23
N ILE A 575 7.56 17.61 -18.08
CA ILE A 575 8.05 17.16 -16.77
C ILE A 575 9.53 17.50 -16.58
N ASP A 576 10.06 18.35 -17.46
CA ASP A 576 11.46 18.73 -17.40
C ASP A 576 11.61 20.07 -16.67
N GLY A 577 11.74 19.99 -15.36
CA GLY A 577 11.82 21.18 -14.51
C GLY A 577 10.42 21.67 -14.21
N GLN A 578 9.60 20.77 -13.66
CA GLN A 578 8.22 21.06 -13.29
C GLN A 578 7.86 20.32 -12.02
N ASP A 579 6.64 20.53 -11.55
CA ASP A 579 6.12 19.89 -10.35
C ASP A 579 5.70 18.49 -10.78
N ILE A 580 6.47 17.48 -10.40
CA ILE A 580 6.26 16.13 -10.88
C ILE A 580 6.02 15.12 -9.77
N VAL A 581 5.53 13.95 -10.17
CA VAL A 581 5.21 12.82 -9.30
C VAL A 581 5.78 11.55 -9.91
N VAL A 582 6.50 10.81 -9.10
CA VAL A 582 7.08 9.53 -9.48
C VAL A 582 6.19 8.44 -8.88
N TRP A 583 5.88 7.47 -9.70
CA TRP A 583 5.08 6.33 -9.29
C TRP A 583 5.90 5.06 -9.53
N HIS A 584 6.33 4.43 -8.45
CA HIS A 584 7.21 3.26 -8.54
C HIS A 584 6.44 2.00 -8.18
N THR A 585 6.43 1.07 -9.12
CA THR A 585 5.83 -0.23 -8.97
C THR A 585 6.89 -1.19 -8.43
N PHE A 586 6.56 -1.92 -7.39
CA PHE A 586 7.47 -2.94 -6.84
C PHE A 586 6.63 -4.00 -6.15
N GLY A 587 7.07 -5.24 -6.27
CA GLY A 587 6.31 -6.31 -5.64
C GLY A 587 7.02 -7.61 -5.43
N LEU A 588 6.31 -8.54 -4.77
CA LEU A 588 6.78 -9.88 -4.49
C LEU A 588 6.06 -10.85 -5.35
N THR A 589 6.78 -11.80 -5.94
CA THR A 589 6.16 -12.88 -6.69
C THR A 589 6.28 -14.12 -5.82
N HIS A 590 5.12 -14.67 -5.45
CA HIS A 590 5.04 -15.67 -4.38
C HIS A 590 4.61 -17.03 -4.93
N PHE A 591 5.55 -17.97 -4.88
CA PHE A 591 5.28 -19.37 -5.11
C PHE A 591 5.32 -20.00 -3.72
N PRO A 592 4.18 -20.17 -3.05
CA PRO A 592 4.24 -20.54 -1.63
C PRO A 592 4.99 -21.85 -1.38
N ARG A 593 5.69 -21.84 -0.26
CA ARG A 593 6.52 -22.94 0.13
C ARG A 593 5.87 -23.57 1.33
N VAL A 594 6.24 -24.81 1.60
CA VAL A 594 5.76 -25.52 2.77
C VAL A 594 6.04 -24.71 4.06
N GLU A 595 7.14 -23.97 4.08
CA GLU A 595 7.47 -23.15 5.26
C GLU A 595 6.51 -21.98 5.51
N ASP A 596 5.69 -21.63 4.52
CA ASP A 596 4.72 -20.56 4.70
C ASP A 596 3.46 -21.03 5.44
N TRP A 597 3.36 -22.33 5.70
CA TRP A 597 2.16 -22.96 6.26
C TRP A 597 2.51 -23.48 7.66
N PRO A 598 1.65 -23.34 8.66
CA PRO A 598 0.29 -22.78 8.60
C PRO A 598 0.14 -21.26 8.81
N ILE A 599 1.23 -20.58 9.16
CA ILE A 599 1.25 -19.13 9.19
C ILE A 599 2.61 -18.70 8.62
N MET A 600 2.57 -17.67 7.78
CA MET A 600 3.70 -17.28 6.95
C MET A 600 4.71 -16.40 7.72
N PRO A 601 5.99 -16.78 7.71
CA PRO A 601 7.04 -15.88 8.21
C PRO A 601 7.13 -14.68 7.27
N VAL A 602 7.49 -13.54 7.82
CA VAL A 602 7.52 -12.29 7.06
C VAL A 602 8.45 -12.41 5.87
N ASP A 603 8.00 -11.87 4.74
CA ASP A 603 8.88 -11.61 3.60
C ASP A 603 8.73 -10.14 3.24
N THR A 604 9.73 -9.57 2.58
CA THR A 604 9.81 -8.13 2.42
C THR A 604 10.08 -7.71 1.00
N VAL A 605 9.67 -6.49 0.71
CA VAL A 605 10.05 -5.82 -0.53
C VAL A 605 9.97 -4.33 -0.28
N GLY A 606 10.63 -3.54 -1.11
CA GLY A 606 10.63 -2.10 -0.93
C GLY A 606 11.50 -1.39 -1.94
N PHE A 607 11.94 -0.20 -1.55
CA PHE A 607 12.80 0.63 -2.38
C PHE A 607 13.42 1.69 -1.45
N LYS A 608 14.40 2.40 -1.97
CA LYS A 608 14.94 3.53 -1.23
C LYS A 608 15.41 4.62 -2.16
N LEU A 609 15.57 5.80 -1.58
CA LEU A 609 16.16 6.96 -2.26
C LEU A 609 17.31 7.50 -1.41
N ARG A 610 18.44 7.72 -2.06
CA ARG A 610 19.66 8.18 -1.40
C ARG A 610 20.05 9.52 -1.99
N PRO A 611 20.56 10.45 -1.20
CA PRO A 611 21.00 11.72 -1.74
C PRO A 611 22.09 11.53 -2.78
N GLU A 612 22.06 12.35 -3.82
CA GLU A 612 23.00 12.22 -4.93
C GLU A 612 23.46 13.64 -5.27
N GLY A 613 24.49 14.11 -4.59
CA GLY A 613 24.91 15.51 -4.73
C GLY A 613 23.89 16.50 -4.20
N PHE A 614 23.00 16.05 -3.33
CA PHE A 614 22.08 16.95 -2.64
C PHE A 614 22.83 17.83 -1.64
N PHE A 615 23.74 17.21 -0.89
CA PHE A 615 24.51 17.87 0.15
C PHE A 615 25.89 18.26 -0.40
N ASP A 616 26.58 19.16 0.28
CA ASP A 616 27.89 19.64 -0.15
C ASP A 616 29.06 18.79 0.34
N ARG A 617 28.74 17.83 1.20
CA ARG A 617 29.66 16.83 1.74
C ARG A 617 28.78 15.90 2.57
N SER A 618 29.36 14.88 3.20
CA SER A 618 28.56 14.02 4.07
C SER A 618 27.75 14.88 5.04
N PRO A 619 26.46 14.56 5.22
CA PRO A 619 25.61 15.28 6.18
C PRO A 619 25.70 14.76 7.63
N VAL A 620 26.58 13.79 7.89
CA VAL A 620 26.68 13.17 9.20
C VAL A 620 28.07 13.34 9.85
N LEU A 621 28.76 14.41 9.47
CA LEU A 621 30.05 14.77 10.10
C LEU A 621 29.89 15.26 11.52
N ASP A 622 28.71 15.75 11.84
CA ASP A 622 28.46 16.32 13.16
C ASP A 622 27.83 15.32 14.14
N VAL A 623 27.73 14.05 13.73
CA VAL A 623 27.27 12.99 14.63
C VAL A 623 28.39 12.72 15.64
N PRO A 624 28.06 12.72 16.94
CA PRO A 624 29.08 12.50 17.98
C PRO A 624 29.49 11.04 18.14
N ALA A 625 30.65 10.83 18.76
CA ALA A 625 31.12 9.49 19.09
C ALA A 625 30.25 8.87 20.17
N ASN A 626 30.26 7.55 20.24
CA ASN A 626 29.72 6.79 21.38
C ASN A 626 28.50 7.43 22.05
#